data_3RUN
#
_entry.id   3RUN
#
_cell.length_a   60.440
_cell.length_b   60.440
_cell.length_c   96.830
_cell.angle_alpha   90.00
_cell.angle_beta   90.00
_cell.angle_gamma   120.00
#
_symmetry.space_group_name_H-M   'P 32 2 1'
#
loop_
_entity.id
_entity.type
_entity.pdbx_description
1 polymer LYSOZYME
2 polymer VANCOMYCIN
3 branched vancosamine-(1-2)-beta-D-glucopyranose
4 non-polymer (4S)-2-METHYL-2,4-PENTANEDIOL
5 non-polymer (4R)-2-METHYLPENTANE-2,4-DIOL
6 non-polymer 'PHOSPHATE ION'
7 non-polymer 2-AMINO-2-HYDROXYMETHYL-PROPANE-1,3-DIOL
8 non-polymer 'CHLORIDE ION'
9 non-polymer 'ISOPROPYL ALCOHOL'
10 water water
#
loop_
_entity_poly.entity_id
_entity_poly.type
_entity_poly.pdbx_seq_one_letter_code
_entity_poly.pdbx_strand_id
1 'polypeptide(L)'
;MNIFEMLRIDEGLRLKIYKDTEGYYTIGIGHLLTKSPSLNAAKSELDKAIGRNTNGVITKDEAEKLFNQDVDAAVRGILR
NAKLKPVYDSLDAVRRAALINMVFQMGETGVAGFTNSLRMLQQKRWDEAAVNLAKSRWYNQTPNRAKRVITTFRTGTWDA
YKNA(CCS)K(DAL)(DAL)
;
A
2 'polypeptide(L)' (MLU)(OMZ)N(GHP)(GHP)(OMY)(3FG) B
#
loop_
_chem_comp.id
_chem_comp.type
_chem_comp.name
_chem_comp.formula
BGC D-saccharide, beta linking beta-D-glucopyranose 'C6 H12 O6'
CL non-polymer 'CHLORIDE ION' 'Cl -1'
IPA non-polymer 'ISOPROPYL ALCOHOL' 'C3 H8 O'
MPD non-polymer (4S)-2-METHYL-2,4-PENTANEDIOL 'C6 H14 O2'
MRD non-polymer (4R)-2-METHYLPENTANE-2,4-DIOL 'C6 H14 O2'
PO4 non-polymer 'PHOSPHATE ION' 'O4 P -3'
RER L-saccharide, alpha linking vancosamine 'C7 H15 N O3'
TRS non-polymer 2-AMINO-2-HYDROXYMETHYL-PROPANE-1,3-DIOL 'C4 H12 N O3 1'
#
# COMPACT_ATOMS: atom_id res chain seq x y z
N MET A 1 -8.07 11.66 7.80
CA MET A 1 -7.49 10.55 7.06
C MET A 1 -6.82 11.03 5.77
N ASN A 2 -5.76 10.35 5.35
CA ASN A 2 -5.06 10.64 4.09
C ASN A 2 -4.29 9.39 3.69
N ILE A 3 -3.60 9.41 2.55
CA ILE A 3 -2.90 8.23 2.05
C ILE A 3 -1.82 7.71 3.03
N PHE A 4 -1.12 8.60 3.73
CA PHE A 4 -0.11 8.14 4.66
C PHE A 4 -0.73 7.40 5.84
N GLU A 5 -1.80 7.95 6.40
CA GLU A 5 -2.50 7.30 7.50
C GLU A 5 -3.14 5.99 7.07
N MET A 6 -3.72 6.00 5.88
CA MET A 6 -4.40 4.83 5.30
C MET A 6 -3.42 3.66 5.18
N LEU A 7 -2.26 3.92 4.57
CA LEU A 7 -1.26 2.87 4.43
C LEU A 7 -0.63 2.47 5.76
N ARG A 8 -0.44 3.41 6.68
CA ARG A 8 0.06 3.05 8.01
C ARG A 8 -0.90 2.07 8.70
N ILE A 9 -2.20 2.30 8.55
CA ILE A 9 -3.19 1.38 9.09
C ILE A 9 -3.09 0.00 8.42
N ASP A 10 -3.01 0.00 7.08
CA ASP A 10 -2.98 -1.25 6.34
C ASP A 10 -1.68 -2.04 6.50
N GLU A 11 -0.55 -1.36 6.69
CA GLU A 11 0.74 -2.05 6.70
C GLU A 11 1.31 -2.32 8.08
N GLY A 12 0.87 -1.55 9.08
CA GLY A 12 1.44 -1.67 10.42
C GLY A 12 2.82 -1.05 10.50
N LEU A 13 3.50 -1.31 11.60
CA LEU A 13 4.87 -0.83 11.79
C LEU A 13 5.63 -1.84 12.62
N ARG A 14 6.69 -2.39 12.04
CA ARG A 14 7.55 -3.34 12.77
C ARG A 14 9.00 -2.94 12.53
N LEU A 15 9.79 -2.90 13.60
CA LEU A 15 11.14 -2.36 13.51
C LEU A 15 12.23 -3.41 13.23
N LYS A 16 11.84 -4.68 13.20
CA LYS A 16 12.76 -5.76 12.90
C LYS A 16 12.28 -6.45 11.63
N ILE A 17 13.21 -7.06 10.90
CA ILE A 17 12.85 -7.76 9.68
C ILE A 17 11.76 -8.80 10.01
N TYR A 18 10.71 -8.81 9.18
CA TYR A 18 9.62 -9.77 9.28
C TYR A 18 9.27 -10.25 7.88
N LYS A 19 8.44 -11.28 7.77
CA LYS A 19 7.94 -11.69 6.47
C LYS A 19 6.55 -11.14 6.22
N ASP A 20 6.32 -10.65 5.01
CA ASP A 20 5.02 -10.13 4.60
C ASP A 20 4.06 -11.29 4.33
N THR A 21 2.85 -10.99 3.85
N THR A 21 2.88 -10.93 3.80
CA THR A 21 1.90 -12.09 3.73
CA THR A 21 1.80 -11.90 3.59
C THR A 21 2.31 -13.11 2.66
C THR A 21 2.16 -12.99 2.56
N GLU A 22 3.17 -12.70 1.74
CA GLU A 22 3.65 -13.62 0.70
C GLU A 22 4.90 -14.39 1.12
N GLY A 23 5.37 -14.16 2.34
CA GLY A 23 6.60 -14.79 2.80
C GLY A 23 7.90 -14.05 2.50
N TYR A 24 7.83 -12.79 2.06
CA TYR A 24 9.02 -12.03 1.67
C TYR A 24 9.53 -11.14 2.79
N TYR A 25 10.85 -11.10 2.97
CA TYR A 25 11.46 -10.24 3.97
C TYR A 25 11.15 -8.76 3.75
N THR A 26 10.73 -8.12 4.83
CA THR A 26 10.12 -6.79 4.84
C THR A 26 10.52 -6.13 6.16
N ILE A 27 10.42 -4.81 6.22
CA ILE A 27 10.64 -4.11 7.48
C ILE A 27 9.81 -2.83 7.50
N GLY A 28 9.65 -2.26 8.69
CA GLY A 28 9.03 -0.95 8.79
C GLY A 28 7.56 -0.97 8.49
N ILE A 29 7.13 -0.02 7.66
CA ILE A 29 5.73 0.11 7.26
C ILE A 29 5.59 -0.56 5.90
N GLY A 30 5.70 -1.88 5.89
CA GLY A 30 5.58 -2.59 4.64
C GLY A 30 6.64 -2.32 3.59
N HIS A 31 7.87 -2.04 4.01
CA HIS A 31 8.96 -1.90 3.03
C HIS A 31 9.54 -3.27 2.63
N LEU A 32 9.27 -3.71 1.40
CA LEU A 32 9.85 -4.95 0.89
C LEU A 32 11.37 -4.84 0.77
N LEU A 33 12.10 -5.82 1.31
CA LEU A 33 13.57 -5.81 1.20
C LEU A 33 14.03 -6.66 0.02
N THR A 34 13.45 -7.84 -0.12
CA THR A 34 13.88 -8.74 -1.19
C THR A 34 12.90 -9.89 -1.29
N LYS A 35 12.82 -10.50 -2.47
CA LYS A 35 12.03 -11.70 -2.62
C LYS A 35 12.88 -12.96 -2.45
N SER A 36 14.18 -12.75 -2.25
CA SER A 36 15.13 -13.83 -1.99
C SER A 36 14.81 -14.52 -0.66
N PRO A 37 14.90 -15.85 -0.63
CA PRO A 37 14.69 -16.54 0.64
C PRO A 37 15.85 -16.37 1.61
N SER A 38 16.90 -15.66 1.20
CA SER A 38 18.07 -15.47 2.05
C SER A 38 17.92 -14.28 3.00
N LEU A 39 17.93 -14.54 4.30
CA LEU A 39 17.92 -13.49 5.30
C LEU A 39 19.15 -12.59 5.19
N ASN A 40 20.31 -13.17 4.85
CA ASN A 40 21.49 -12.35 4.65
C ASN A 40 21.31 -11.37 3.49
N ALA A 41 20.68 -11.83 2.42
CA ALA A 41 20.40 -10.93 1.31
C ALA A 41 19.47 -9.80 1.75
N ALA A 42 18.46 -10.10 2.58
CA ALA A 42 17.57 -9.08 3.10
C ALA A 42 18.29 -8.06 3.98
N LYS A 43 19.17 -8.56 4.85
CA LYS A 43 19.97 -7.68 5.70
C LYS A 43 20.87 -6.74 4.87
N SER A 44 21.44 -7.27 3.79
N SER A 44 21.46 -7.26 3.80
CA SER A 44 22.25 -6.45 2.90
CA SER A 44 22.24 -6.41 2.91
C SER A 44 21.43 -5.35 2.22
C SER A 44 21.37 -5.31 2.33
N GLU A 45 20.21 -5.69 1.81
CA GLU A 45 19.31 -4.71 1.22
C GLU A 45 18.94 -3.66 2.25
N LEU A 46 18.71 -4.09 3.48
CA LEU A 46 18.33 -3.15 4.54
C LEU A 46 19.44 -2.14 4.82
N ASP A 47 20.66 -2.65 4.97
CA ASP A 47 21.81 -1.78 5.26
C ASP A 47 21.99 -0.75 4.14
N LYS A 48 21.81 -1.19 2.90
CA LYS A 48 21.91 -0.31 1.74
C LYS A 48 20.80 0.75 1.76
N ALA A 49 19.60 0.33 2.14
CA ALA A 49 18.46 1.26 2.17
C ALA A 49 18.60 2.34 3.25
N ILE A 50 19.12 1.95 4.40
CA ILE A 50 19.23 2.85 5.55
C ILE A 50 20.55 3.63 5.56
N GLY A 51 21.60 3.06 4.98
CA GLY A 51 22.89 3.72 4.94
C GLY A 51 23.81 3.42 6.11
N ARG A 52 23.57 2.33 6.82
CA ARG A 52 24.42 1.94 7.95
C ARG A 52 24.26 0.44 8.18
N ASN A 53 25.13 -0.14 9.01
CA ASN A 53 24.98 -1.53 9.39
C ASN A 53 23.94 -1.65 10.49
N THR A 54 22.76 -2.14 10.12
CA THR A 54 21.61 -2.12 11.01
C THR A 54 21.43 -3.42 11.79
N ASN A 55 22.05 -4.49 11.31
CA ASN A 55 21.86 -5.81 11.90
C ASN A 55 20.38 -6.21 12.01
N GLY A 56 19.57 -5.78 11.05
CA GLY A 56 18.19 -6.22 10.97
C GLY A 56 17.19 -5.44 11.79
N VAL A 57 17.62 -4.35 12.42
CA VAL A 57 16.72 -3.55 13.22
C VAL A 57 16.89 -2.05 12.90
N ILE A 58 15.76 -1.35 12.82
CA ILE A 58 15.78 0.09 12.54
C ILE A 58 14.97 0.88 13.56
N THR A 59 15.12 2.19 13.50
CA THR A 59 14.36 3.08 14.35
C THR A 59 13.05 3.47 13.69
N LYS A 60 12.14 4.01 14.48
CA LYS A 60 10.88 4.47 13.95
C LYS A 60 11.09 5.55 12.89
N ASP A 61 11.99 6.48 13.15
CA ASP A 61 12.26 7.54 12.17
C ASP A 61 12.76 6.95 10.85
N GLU A 62 13.61 5.92 10.95
CA GLU A 62 14.13 5.26 9.74
C GLU A 62 13.03 4.55 8.98
N ALA A 63 12.14 3.87 9.70
CA ALA A 63 10.98 3.24 9.05
C ALA A 63 10.09 4.27 8.35
N GLU A 64 9.87 5.42 8.99
CA GLU A 64 9.06 6.46 8.38
C GLU A 64 9.72 7.03 7.14
N LYS A 65 11.05 7.13 7.14
CA LYS A 65 11.73 7.62 5.97
C LYS A 65 11.57 6.67 4.77
N LEU A 66 11.77 5.38 4.99
CA LEU A 66 11.52 4.42 3.91
C LEU A 66 10.08 4.49 3.44
N PHE A 67 9.15 4.62 4.38
CA PHE A 67 7.73 4.71 4.06
C PHE A 67 7.42 5.93 3.17
N ASN A 68 7.95 7.09 3.55
CA ASN A 68 7.74 8.28 2.76
C ASN A 68 8.32 8.12 1.34
N GLN A 69 9.49 7.50 1.24
CA GLN A 69 10.05 7.19 -0.08
C GLN A 69 9.16 6.24 -0.87
N ASP A 70 8.62 5.23 -0.19
CA ASP A 70 7.78 4.24 -0.86
C ASP A 70 6.45 4.80 -1.32
N VAL A 71 5.88 5.71 -0.55
CA VAL A 71 4.65 6.40 -1.00
C VAL A 71 4.96 7.25 -2.24
N ASP A 72 6.07 8.00 -2.21
CA ASP A 72 6.50 8.75 -3.38
C ASP A 72 6.66 7.83 -4.58
N ALA A 73 7.32 6.69 -4.39
CA ALA A 73 7.54 5.76 -5.50
C ALA A 73 6.22 5.30 -6.14
N ALA A 74 5.21 5.06 -5.30
CA ALA A 74 3.91 4.66 -5.80
C ALA A 74 3.26 5.81 -6.61
N VAL A 75 3.33 7.02 -6.08
CA VAL A 75 2.77 8.18 -6.79
C VAL A 75 3.49 8.39 -8.13
N ARG A 76 4.81 8.34 -8.12
CA ARG A 76 5.57 8.47 -9.37
C ARG A 76 5.24 7.38 -10.37
N GLY A 77 5.03 6.16 -9.87
CA GLY A 77 4.69 5.05 -10.75
C GLY A 77 3.38 5.32 -11.45
N ILE A 78 2.41 5.83 -10.70
CA ILE A 78 1.14 6.18 -11.31
C ILE A 78 1.32 7.28 -12.36
N LEU A 79 2.05 8.34 -12.00
CA LEU A 79 2.13 9.51 -12.88
C LEU A 79 2.91 9.24 -14.17
N ARG A 80 3.80 8.25 -14.15
CA ARG A 80 4.57 7.92 -15.35
C ARG A 80 3.92 6.84 -16.22
N ASN A 81 2.83 6.24 -15.73
CA ASN A 81 2.24 5.09 -16.42
C ASN A 81 1.05 5.51 -17.30
N ALA A 82 1.11 5.15 -18.58
CA ALA A 82 0.08 5.55 -19.53
C ALA A 82 -1.33 5.06 -19.21
N LYS A 83 -1.44 3.93 -18.49
CA LYS A 83 -2.74 3.40 -18.13
C LYS A 83 -3.22 3.97 -16.80
N LEU A 84 -2.30 4.15 -15.85
CA LEU A 84 -2.71 4.60 -14.52
C LEU A 84 -2.96 6.10 -14.45
N LYS A 85 -2.13 6.88 -15.12
CA LYS A 85 -2.24 8.34 -14.98
C LYS A 85 -3.62 8.90 -15.33
N PRO A 86 -4.20 8.50 -16.50
CA PRO A 86 -5.52 9.10 -16.80
C PRO A 86 -6.59 8.70 -15.79
N VAL A 87 -6.50 7.49 -15.26
CA VAL A 87 -7.46 7.08 -14.26
C VAL A 87 -7.27 7.90 -12.99
N TYR A 88 -6.03 7.99 -12.52
CA TYR A 88 -5.73 8.77 -11.33
C TYR A 88 -6.23 10.21 -11.47
N ASP A 89 -5.92 10.85 -12.61
CA ASP A 89 -6.31 12.23 -12.81
C ASP A 89 -7.83 12.40 -12.82
N SER A 90 -8.54 11.35 -13.25
CA SER A 90 -9.99 11.42 -13.33
C SER A 90 -10.67 11.30 -11.96
N LEU A 91 -9.95 10.81 -10.96
CA LEU A 91 -10.52 10.52 -9.64
C LEU A 91 -10.50 11.71 -8.69
N ASP A 92 -11.40 11.69 -7.72
CA ASP A 92 -11.38 12.60 -6.58
C ASP A 92 -10.26 12.22 -5.62
N ALA A 93 -10.00 13.09 -4.63
CA ALA A 93 -8.86 12.90 -3.72
C ALA A 93 -8.90 11.60 -2.92
N VAL A 94 -10.08 11.19 -2.46
CA VAL A 94 -10.19 9.98 -1.66
C VAL A 94 -9.91 8.75 -2.52
N ARG A 95 -10.51 8.69 -3.69
CA ARG A 95 -10.29 7.55 -4.57
C ARG A 95 -8.86 7.52 -5.13
N ARG A 96 -8.25 8.69 -5.29
CA ARG A 96 -6.81 8.70 -5.63
C ARG A 96 -5.96 7.97 -4.59
N ALA A 97 -6.27 8.20 -3.31
CA ALA A 97 -5.58 7.48 -2.25
C ALA A 97 -5.76 5.96 -2.38
N ALA A 98 -6.97 5.51 -2.69
CA ALA A 98 -7.20 4.07 -2.89
C ALA A 98 -6.30 3.52 -4.00
N LEU A 99 -6.13 4.28 -5.08
CA LEU A 99 -5.28 3.81 -6.18
C LEU A 99 -3.81 3.76 -5.74
N ILE A 100 -3.36 4.79 -5.02
CA ILE A 100 -1.99 4.77 -4.51
C ILE A 100 -1.78 3.56 -3.60
N ASN A 101 -2.78 3.24 -2.78
CA ASN A 101 -2.69 2.11 -1.87
C ASN A 101 -2.44 0.83 -2.68
N MET A 102 -3.24 0.59 -3.72
CA MET A 102 -3.04 -0.59 -4.55
C MET A 102 -1.64 -0.62 -5.14
N VAL A 103 -1.16 0.51 -5.65
CA VAL A 103 0.16 0.55 -6.27
C VAL A 103 1.28 0.32 -5.25
N PHE A 104 1.09 0.82 -4.03
CA PHE A 104 2.03 0.55 -2.93
C PHE A 104 2.10 -0.95 -2.67
N GLN A 105 0.95 -1.61 -2.65
CA GLN A 105 0.93 -3.04 -2.36
C GLN A 105 1.44 -3.93 -3.52
N MET A 106 1.03 -3.62 -4.75
CA MET A 106 1.26 -4.52 -5.88
C MET A 106 2.19 -4.01 -6.96
N GLY A 107 2.55 -2.73 -6.88
CA GLY A 107 3.42 -2.12 -7.87
C GLY A 107 2.70 -1.55 -9.07
N GLU A 108 3.35 -0.62 -9.76
CA GLU A 108 2.81 0.06 -10.93
C GLU A 108 2.32 -0.93 -11.99
N THR A 109 3.21 -1.83 -12.40
CA THR A 109 2.92 -2.76 -13.49
C THR A 109 1.74 -3.66 -13.10
N GLY A 110 1.74 -4.10 -11.86
CA GLY A 110 0.69 -4.96 -11.34
C GLY A 110 -0.68 -4.32 -11.44
N VAL A 111 -0.79 -3.10 -10.94
CA VAL A 111 -2.09 -2.44 -10.93
C VAL A 111 -2.51 -2.02 -12.34
N ALA A 112 -1.55 -1.63 -13.17
CA ALA A 112 -1.85 -1.26 -14.55
C ALA A 112 -2.50 -2.44 -15.31
N GLY A 113 -2.25 -3.65 -14.81
CA GLY A 113 -2.85 -4.83 -15.42
C GLY A 113 -4.33 -5.05 -15.11
N PHE A 114 -4.90 -4.25 -14.20
CA PHE A 114 -6.32 -4.37 -13.84
C PHE A 114 -7.17 -3.62 -14.88
N THR A 115 -7.07 -4.03 -16.13
CA THR A 115 -7.59 -3.23 -17.24
C THR A 115 -9.08 -2.92 -17.14
N ASN A 116 -9.89 -3.93 -16.85
CA ASN A 116 -11.31 -3.70 -16.80
C ASN A 116 -11.74 -2.89 -15.57
N SER A 117 -11.10 -3.13 -14.42
CA SER A 117 -11.38 -2.33 -13.22
C SER A 117 -11.04 -0.87 -13.46
N LEU A 118 -9.88 -0.62 -14.07
CA LEU A 118 -9.45 0.76 -14.35
C LEU A 118 -10.46 1.49 -15.23
N ARG A 119 -10.98 0.79 -16.24
CA ARG A 119 -11.95 1.41 -17.13
C ARG A 119 -13.23 1.75 -16.37
N MET A 120 -13.71 0.83 -15.53
CA MET A 120 -14.89 1.13 -14.72
C MET A 120 -14.68 2.31 -13.76
N LEU A 121 -13.48 2.42 -13.18
CA LEU A 121 -13.16 3.55 -12.34
C LEU A 121 -13.18 4.85 -13.15
N GLN A 122 -12.58 4.83 -14.34
CA GLN A 122 -12.57 6.03 -15.19
C GLN A 122 -14.00 6.42 -15.53
N GLN A 123 -14.86 5.43 -15.74
CA GLN A 123 -16.28 5.67 -16.06
C GLN A 123 -17.13 6.06 -14.85
N LYS A 124 -16.55 6.00 -13.66
CA LYS A 124 -17.24 6.31 -12.39
C LYS A 124 -18.43 5.37 -12.15
N ARG A 125 -18.25 4.12 -12.57
CA ARG A 125 -19.22 3.07 -12.33
C ARG A 125 -18.77 2.34 -11.09
N TRP A 126 -19.06 2.94 -9.94
CA TRP A 126 -18.37 2.54 -8.73
C TRP A 126 -18.74 1.16 -8.22
N ASP A 127 -20.03 0.81 -8.25
CA ASP A 127 -20.42 -0.51 -7.75
C ASP A 127 -19.87 -1.58 -8.68
N GLU A 128 -19.91 -1.33 -9.98
CA GLU A 128 -19.35 -2.27 -10.97
C GLU A 128 -17.83 -2.44 -10.81
N ALA A 129 -17.13 -1.33 -10.63
CA ALA A 129 -15.70 -1.40 -10.37
C ALA A 129 -15.40 -2.22 -9.13
N ALA A 130 -16.17 -2.00 -8.07
CA ALA A 130 -15.95 -2.72 -6.83
C ALA A 130 -16.15 -4.22 -7.01
N VAL A 131 -17.19 -4.62 -7.74
CA VAL A 131 -17.41 -6.03 -8.05
C VAL A 131 -16.22 -6.60 -8.84
N ASN A 132 -15.77 -5.86 -9.84
CA ASN A 132 -14.68 -6.36 -10.68
C ASN A 132 -13.35 -6.46 -9.91
N LEU A 133 -13.08 -5.49 -9.04
CA LEU A 133 -11.83 -5.50 -8.27
C LEU A 133 -11.72 -6.72 -7.36
N ALA A 134 -12.86 -7.21 -6.88
CA ALA A 134 -12.86 -8.35 -5.97
C ALA A 134 -12.61 -9.70 -6.65
N LYS A 135 -12.71 -9.72 -7.97
CA LYS A 135 -12.46 -10.94 -8.74
C LYS A 135 -10.98 -11.02 -9.03
N SER A 136 -10.20 -11.24 -7.97
CA SER A 136 -8.75 -11.09 -8.11
C SER A 136 -8.02 -11.91 -7.08
N ARG A 137 -6.81 -12.34 -7.44
CA ARG A 137 -5.96 -12.99 -6.44
C ARG A 137 -5.76 -12.00 -5.27
N TRP A 138 -5.57 -10.73 -5.60
CA TRP A 138 -5.42 -9.70 -4.57
C TRP A 138 -6.48 -9.81 -3.48
N TYR A 139 -7.74 -9.80 -3.89
CA TYR A 139 -8.83 -9.84 -2.94
C TYR A 139 -8.82 -11.15 -2.15
N ASN A 140 -8.61 -12.27 -2.84
CA ASN A 140 -8.69 -13.56 -2.19
C ASN A 140 -7.57 -13.79 -1.18
N GLN A 141 -6.38 -13.24 -1.46
CA GLN A 141 -5.24 -13.44 -0.56
C GLN A 141 -5.22 -12.46 0.61
N THR A 142 -5.69 -11.23 0.39
CA THR A 142 -5.74 -10.24 1.46
C THR A 142 -7.12 -9.59 1.48
N PRO A 143 -8.13 -10.35 1.87
CA PRO A 143 -9.51 -9.87 1.70
C PRO A 143 -9.87 -8.70 2.61
N ASN A 144 -9.40 -8.68 3.84
CA ASN A 144 -9.80 -7.58 4.70
C ASN A 144 -9.24 -6.24 4.21
N ARG A 145 -7.97 -6.25 3.81
CA ARG A 145 -7.36 -5.04 3.30
C ARG A 145 -7.97 -4.66 1.95
N ALA A 146 -8.17 -5.64 1.06
CA ALA A 146 -8.77 -5.33 -0.23
C ALA A 146 -10.20 -4.80 -0.06
N LYS A 147 -10.96 -5.36 0.87
CA LYS A 147 -12.30 -4.84 1.15
C LYS A 147 -12.26 -3.37 1.56
N ARG A 148 -11.30 -2.99 2.39
CA ARG A 148 -11.20 -1.57 2.79
C ARG A 148 -10.90 -0.68 1.59
N VAL A 149 -9.94 -1.11 0.77
CA VAL A 149 -9.55 -0.32 -0.40
C VAL A 149 -10.74 -0.26 -1.38
N ILE A 150 -11.40 -1.39 -1.61
CA ILE A 150 -12.55 -1.43 -2.51
C ILE A 150 -13.72 -0.55 -2.01
N THR A 151 -14.01 -0.59 -0.71
CA THR A 151 -15.05 0.27 -0.15
C THR A 151 -14.70 1.74 -0.38
N THR A 152 -13.42 2.07 -0.31
CA THR A 152 -12.99 3.44 -0.55
C THR A 152 -13.25 3.84 -2.02
N PHE A 153 -12.95 2.94 -2.95
CA PHE A 153 -13.32 3.17 -4.34
C PHE A 153 -14.84 3.23 -4.55
N ARG A 154 -15.58 2.38 -3.85
CA ARG A 154 -17.02 2.35 -4.07
C ARG A 154 -17.68 3.63 -3.60
N THR A 155 -17.25 4.14 -2.45
CA THR A 155 -17.95 5.23 -1.76
C THR A 155 -17.30 6.60 -1.87
N GLY A 156 -16.00 6.64 -2.09
CA GLY A 156 -15.31 7.92 -2.12
C GLY A 156 -15.29 8.55 -0.74
N THR A 157 -15.45 7.73 0.29
CA THR A 157 -15.32 8.18 1.68
C THR A 157 -14.26 7.34 2.38
N TRP A 158 -13.90 7.78 3.58
CA TRP A 158 -12.91 7.10 4.41
C TRP A 158 -13.55 6.14 5.41
N ASP A 159 -14.81 5.78 5.21
CA ASP A 159 -15.54 5.05 6.24
C ASP A 159 -14.91 3.71 6.63
N ALA A 160 -14.26 3.03 5.69
CA ALA A 160 -13.62 1.74 6.01
C ALA A 160 -12.42 1.90 6.94
N TYR A 161 -11.95 3.14 7.12
CA TYR A 161 -10.77 3.41 7.93
C TYR A 161 -11.11 4.16 9.21
N LYS A 162 -12.40 4.23 9.53
CA LYS A 162 -12.83 4.90 10.76
C LYS A 162 -13.05 3.88 11.84
N ASN A 163 -12.92 4.29 13.09
CA ASN A 163 -13.40 3.45 14.18
C ASN A 163 -14.07 4.25 15.30
N ALA A 164 -14.68 3.56 16.24
CA ALA A 164 -15.47 4.21 17.27
C ALA A 164 -14.65 5.08 18.21
N CCS A 165 -13.42 4.66 18.52
CA CCS A 165 -12.57 5.42 19.43
CB CCS A 165 -11.57 4.50 20.15
SG CCS A 165 -12.38 3.23 21.08
CD CCS A 165 -12.27 3.44 22.83
CE CCS A 165 -12.66 4.86 23.17
OZ1 CCS A 165 -11.79 5.60 23.66
OZ2 CCS A 165 -13.68 5.32 22.59
C CCS A 165 -11.84 6.53 18.67
O CCS A 165 -11.07 7.43 19.46
N LYS A 166 -11.96 6.62 17.35
CA LYS A 166 -11.19 7.60 16.58
C LYS A 166 -9.68 7.43 16.75
N DAL A 167 -9.27 6.18 16.89
CA DAL A 167 -7.84 5.84 16.88
CB DAL A 167 -7.40 5.53 15.46
C DAL A 167 -7.60 4.64 17.76
O DAL A 167 -8.52 3.87 18.04
N DAL A 168 -6.36 4.46 18.19
CA DAL A 168 -6.01 3.31 19.01
CB DAL A 168 -6.05 3.68 20.48
C DAL A 168 -4.66 2.73 18.63
O DAL A 168 -4.29 1.64 19.06
OXT DAL A 168 -3.91 3.34 17.87
N MLU B 1 -4.29 -1.81 16.53
CN MLU B 1 -3.54 -2.52 15.49
CA MLU B 1 -3.76 -0.45 16.78
C MLU B 1 -2.29 -0.47 17.23
O MLU B 1 -1.48 -1.23 16.68
CB MLU B 1 -3.82 0.41 15.51
CG MLU B 1 -5.24 0.57 14.95
CD1 MLU B 1 -6.21 1.14 15.99
CD2 MLU B 1 -5.19 1.45 13.69
N OMZ B 2 -1.95 0.37 18.21
CA OMZ B 2 -0.52 0.54 18.59
C OMZ B 2 -0.07 1.93 18.04
O OMZ B 2 1.16 2.17 18.03
CB OMZ B 2 -0.25 0.41 20.11
OC OMZ B 2 -0.75 -0.85 20.53
CG OMZ B 2 -0.95 1.53 20.89
CD1 OMZ B 2 -0.16 2.64 21.17
CD2 OMZ B 2 -2.28 1.51 21.29
CE1 OMZ B 2 -0.70 3.72 21.84
CL OMZ B 2 0.30 5.10 22.19
CE2 OMZ B 2 -2.82 2.60 21.99
CZ OMZ B 2 -2.03 3.72 22.24
OH OMZ B 2 -2.47 4.84 22.88
N ASN B 3 -0.99 2.79 17.62
CA ASN B 3 -0.64 3.98 16.83
C ASN B 3 -0.90 5.36 17.46
N GHP B 4 -2.16 5.63 17.82
CA GHP B 4 -2.59 6.95 18.33
C GHP B 4 -3.78 7.49 17.50
O GHP B 4 -4.77 6.74 17.31
C1 GHP B 4 -3.04 6.88 19.81
C2 GHP B 4 -3.91 7.85 20.32
C3 GHP B 4 -4.35 7.80 21.65
C4 GHP B 4 -3.88 6.77 22.47
O4 GHP B 4 -4.30 6.69 23.75
C5 GHP B 4 -3.03 5.76 21.99
C6 GHP B 4 -2.58 5.85 20.66
N GHP B 5 -3.71 8.73 17.03
CA GHP B 5 -4.93 9.46 16.61
C GHP B 5 -4.75 10.94 16.99
O GHP B 5 -3.58 11.34 17.20
C1 GHP B 5 -5.31 9.49 15.13
C2 GHP B 5 -4.50 10.11 14.17
C3 GHP B 5 -4.95 10.18 12.84
C4 GHP B 5 -6.22 9.68 12.50
O4 GHP B 5 -6.62 9.77 11.20
C5 GHP B 5 -7.03 9.06 13.47
C6 GHP B 5 -6.56 9.00 14.77
N OMY B 6 -5.82 11.74 17.08
CA OMY B 6 -7.22 11.29 16.97
OCZ OMY B 6 -5.18 8.79 22.18
CE2 OMY B 6 -5.61 10.86 21.07
CE1 OMY B 6 -6.88 8.90 20.47
CZ OMY B 6 -5.88 9.51 21.25
CG OMY B 6 -7.29 11.01 19.35
CD2 OMY B 6 -6.30 11.61 20.11
CD1 OMY B 6 -7.56 9.65 19.53
CB OMY B 6 -8.04 11.74 18.22
CL OMY B 6 -7.27 7.21 20.66
O OMY B 6 -7.35 12.64 14.97
C OMY B 6 -7.83 11.68 15.63
ODE OMY B 6 -7.97 13.16 18.30
N 3FG B 7 -8.84 10.94 15.20
OD1 3FG B 7 -12.29 7.25 12.89
CD1 3FG B 7 -11.00 7.70 12.96
CG1 3FG B 7 -10.74 9.01 13.32
CZ 3FG B 7 -9.94 6.85 12.66
CD2 3FG B 7 -8.63 7.33 12.74
OD2 3FG B 7 -7.59 6.50 12.44
CG2 3FG B 7 -8.34 8.65 13.14
CB 3FG B 7 -9.44 9.47 13.38
CA 3FG B 7 -9.18 10.92 13.78
C 3FG B 7 -10.38 11.82 13.40
O 3FG B 7 -11.00 12.39 14.30
OXT 3FG B 7 -10.63 11.91 12.17
C2 BGC C . -5.36 5.27 25.41
C2 BGC C . -3.90 6.45 26.08
C3 BGC C . -6.67 4.69 25.92
C3 BGC C . -2.96 6.64 27.26
C4 BGC C . -7.92 5.34 25.36
C4 BGC C . -1.51 6.74 26.80
C5 BGC C . -7.77 5.74 23.91
C5 BGC C . -1.38 7.66 25.60
C6 BGC C . -9.00 6.53 23.45
C6 BGC C . 0.08 7.80 25.20
C1 BGC C . -5.43 5.83 23.98
C1 BGC C . -3.54 7.23 24.82
O2 BGC C . -4.43 4.18 25.42
O2 BGC C . -5.21 6.84 26.50
O3 BGC C . -6.69 4.80 27.33
O3 BGC C . -3.10 5.55 28.12
O4 BGC C . -8.99 4.43 25.48
O4 BGC C . -0.72 7.25 27.87
O5 BGC C . -6.62 6.55 23.77
O5 BGC C . -2.16 7.14 24.55
O6 BGC C . -9.04 7.76 24.13
O6 BGC C . 0.74 6.56 25.37
C1 RER C . -3.08 4.41 25.85
C1 RER C . -6.32 6.00 26.17
C2 RER C . -3.03 5.50 26.88
C2 RER C . -7.52 6.89 25.88
C3 RER C . -1.64 5.75 27.32
C3 RER C . -8.67 6.22 25.23
N3 RER C . -0.88 6.30 26.24
N3 RER C . -9.47 5.52 26.19
C3A RER C . -1.65 6.71 28.47
C3A RER C . -9.51 7.28 24.59
C4 RER C . -1.01 4.51 27.79
C4 RER C . -8.28 5.30 24.16
O4 RER C . 0.38 4.75 28.04
O4 RER C . -9.40 4.48 23.84
C5 RER C . -1.14 3.36 26.87
C5 RER C . -7.13 4.42 24.50
O5 RER C . -2.54 3.21 26.33
O5 RER C . -5.98 5.18 25.08
C5A RER C . -0.20 3.49 25.75
C5A RER C . -7.56 3.36 25.42
C1 MPD D . -1.28 -9.75 -13.17
C2 MPD D . -1.98 -8.46 -12.78
O2 MPD D . -1.05 -7.37 -13.01
CM MPD D . -3.20 -8.24 -13.65
C3 MPD D . -2.45 -8.43 -11.33
C4 MPD D . -1.41 -8.83 -10.29
O4 MPD D . -0.77 -7.69 -9.77
C5 MPD D . -2.14 -9.53 -9.15
C1 MRD E . 3.68 13.69 -1.13
C2 MRD E . 4.55 12.82 -2.03
O2 MRD E . 5.93 12.96 -1.58
CM MRD E . 4.09 11.37 -1.91
C3 MRD E . 4.44 13.32 -3.47
C4 MRD E . 5.47 12.76 -4.45
O4 MRD E . 6.80 12.89 -3.97
C5 MRD E . 5.36 13.50 -5.78
P PO4 F . 6.12 -13.72 9.83
O1 PO4 F . 7.59 -13.28 9.96
O2 PO4 F . 5.30 -12.46 9.47
O3 PO4 F . 5.58 -14.22 11.17
O4 PO4 F . 6.01 -14.81 8.78
C TRS G . 4.10 -4.96 0.71
C1 TRS G . 3.37 -3.65 0.59
C2 TRS G . 3.84 -5.84 -0.51
C3 TRS G . 3.72 -5.77 1.96
N TRS G . 5.51 -4.54 0.73
O1 TRS G . 1.98 -3.88 0.63
O2 TRS G . 4.30 -5.24 -1.70
O3 TRS G . 4.04 -5.09 3.18
CL CL H . -6.15 -8.70 4.55
C1 IPA I . -16.18 -13.59 3.91
C2 IPA I . -17.32 -13.13 3.00
C3 IPA I . -17.70 -14.27 2.08
O2 IPA I . -16.92 -12.01 2.24
C1 IPA J . -15.62 15.02 -25.54
C2 IPA J . -15.04 13.61 -25.56
C3 IPA J . -15.51 12.88 -26.82
O2 IPA J . -15.42 12.93 -24.38
C1 MRD K . -4.27 5.64 13.45
C2 MRD K . -3.09 6.19 12.67
O2 MRD K . -2.21 5.08 12.38
CM MRD K . -3.57 6.81 11.36
C3 MRD K . -2.40 7.25 13.54
C4 MRD K . -1.08 7.79 12.99
O4 MRD K . -0.24 6.72 12.63
C5 MRD K . -0.37 8.62 14.05
#